data_7X7W
#
_entry.id   7X7W
#
_cell.length_a   60.018
_cell.length_b   70.657
_cell.length_c   153.784
_cell.angle_alpha   90.000
_cell.angle_beta   99.320
_cell.angle_gamma   90.000
#
_symmetry.space_group_name_H-M   'I 1 2 1'
#
loop_
_entity.id
_entity.type
_entity.pdbx_description
1 polymer 'D-PSICOSE 3-EPIMERASE'
2 non-polymer 'MANGANESE (II) ION'
3 water water
#
_entity_poly.entity_id   1
_entity_poly.type   'polypeptide(L)'
_entity_poly.pdbx_seq_one_letter_code
;MKHGIYYAYWEKQWQADYIPYIEKAAQLGFDILEIAASPLPFYSEQQMKDIKACAEANGITLTCGHGPSPDQNLASSDPA
VRAHAKSFFTDLLSRLEKMDIHVIGGGIYSYWPVDYSMPIDKPGDWARSVEGVAEMAKVAESCGVDYCLEVLNRFEGYLL
NTAEEAVQFVQEVNHPRVKIMLDTFHMNIEEDSIGGAIRRAGQHLGHFHTGECNRRVPGRGRTPWREIGEALRDIGYTGA
VVMEPFVRMGGQVGSDIKIWREMNPGADDAQLDLDAKNAVTFQRYMLD
;
_entity_poly.pdbx_strand_id   A,B
#
# COMPACT_ATOMS: atom_id res chain seq x y z
N MET A 1 -0.41 7.84 -18.17
CA MET A 1 1.02 8.03 -17.98
C MET A 1 1.79 7.76 -19.25
N LYS A 2 2.80 8.59 -19.52
CA LYS A 2 3.76 8.36 -20.59
C LYS A 2 5.07 7.81 -20.03
N HIS A 3 5.72 6.95 -20.81
CA HIS A 3 6.84 6.16 -20.33
C HIS A 3 8.11 6.52 -21.10
N GLY A 4 9.17 6.85 -20.35
CA GLY A 4 10.41 7.33 -20.94
C GLY A 4 11.63 6.57 -20.46
N ILE A 5 12.77 6.95 -21.03
CA ILE A 5 14.09 6.48 -20.61
C ILE A 5 15.05 7.65 -20.71
N TYR A 6 15.93 7.77 -19.71
CA TYR A 6 17.04 8.71 -19.74
C TYR A 6 18.09 8.29 -20.77
N TYR A 7 18.57 9.27 -21.54
CA TYR A 7 19.57 8.98 -22.58
C TYR A 7 20.84 8.37 -21.99
N ALA A 8 21.20 8.73 -20.76
CA ALA A 8 22.50 8.36 -20.20
C ALA A 8 22.64 6.87 -19.91
N TYR A 9 21.57 6.10 -20.10
CA TYR A 9 21.64 4.64 -20.07
C TYR A 9 22.72 4.12 -21.01
N TRP A 10 22.82 4.72 -22.19
CA TRP A 10 23.76 4.32 -23.23
C TRP A 10 25.05 5.14 -23.22
N GLU A 11 25.14 6.17 -22.38
CA GLU A 11 26.16 7.21 -22.49
C GLU A 11 26.93 7.41 -21.18
N LYS A 12 28.19 7.81 -21.31
CA LYS A 12 29.08 7.99 -20.17
C LYS A 12 29.30 9.46 -19.75
N GLN A 13 28.77 10.42 -20.48
CA GLN A 13 28.94 11.80 -20.06
C GLN A 13 27.57 12.45 -19.88
N TRP A 14 27.54 13.54 -19.11
CA TRP A 14 26.26 14.17 -18.77
C TRP A 14 25.70 14.97 -19.93
N GLN A 15 25.94 14.49 -21.16
CA GLN A 15 25.52 15.17 -22.42
C GLN A 15 25.82 14.25 -23.59
N ALA A 16 25.19 14.46 -24.76
CA ALA A 16 25.47 13.67 -25.99
C ALA A 16 24.60 14.18 -27.14
N ASP A 17 24.90 13.84 -28.40
CA ASP A 17 23.96 14.23 -29.45
C ASP A 17 22.66 13.48 -29.23
N TYR A 18 21.58 14.20 -28.92
CA TYR A 18 20.35 13.54 -28.50
C TYR A 18 19.53 13.00 -29.68
N ILE A 19 19.76 13.51 -30.90
CA ILE A 19 18.89 13.13 -32.02
C ILE A 19 18.90 11.64 -32.31
N PRO A 20 20.04 10.93 -32.31
CA PRO A 20 19.96 9.46 -32.44
C PRO A 20 19.21 8.80 -31.31
N TYR A 21 19.19 9.41 -30.12
CA TYR A 21 18.50 8.77 -29.01
C TYR A 21 16.99 9.02 -29.06
N ILE A 22 16.58 10.19 -29.56
CA ILE A 22 15.18 10.39 -29.95
C ILE A 22 14.71 9.26 -30.85
N GLU A 23 15.44 9.01 -31.94
CA GLU A 23 15.06 7.95 -32.86
C GLU A 23 15.14 6.57 -32.21
N LYS A 24 16.15 6.34 -31.36
CA LYS A 24 16.25 5.03 -30.72
C LYS A 24 15.10 4.82 -29.73
N ALA A 25 14.73 5.85 -28.96
CA ALA A 25 13.63 5.70 -28.02
C ALA A 25 12.34 5.38 -28.75
N ALA A 26 12.12 6.04 -29.90
CA ALA A 26 10.99 5.70 -30.75
C ALA A 26 11.04 4.25 -31.20
N GLN A 27 12.21 3.80 -31.69
CA GLN A 27 12.33 2.44 -32.19
C GLN A 27 12.02 1.40 -31.13
N LEU A 28 12.36 1.67 -29.87
CA LEU A 28 12.20 0.71 -28.79
C LEU A 28 10.87 0.83 -28.06
N GLY A 29 9.94 1.66 -28.53
CA GLY A 29 8.60 1.71 -27.97
C GLY A 29 8.36 2.77 -26.91
N PHE A 30 9.28 3.69 -26.69
CA PHE A 30 9.14 4.66 -25.62
C PHE A 30 8.29 5.84 -26.07
N ASP A 31 7.58 6.45 -25.12
CA ASP A 31 6.92 7.71 -25.43
C ASP A 31 7.87 8.89 -25.26
N ILE A 32 8.83 8.80 -24.35
CA ILE A 32 9.62 9.94 -23.90
C ILE A 32 11.10 9.59 -23.93
N LEU A 33 11.92 10.57 -24.32
CA LEU A 33 13.35 10.55 -24.06
C LEU A 33 13.64 11.68 -23.09
N GLU A 34 14.25 11.35 -21.95
CA GLU A 34 14.74 12.39 -21.05
C GLU A 34 16.20 12.69 -21.42
N ILE A 35 16.58 13.97 -21.36
CA ILE A 35 17.90 14.43 -21.79
C ILE A 35 18.53 15.29 -20.71
N ALA A 36 19.86 15.36 -20.71
CA ALA A 36 20.59 16.16 -19.75
C ALA A 36 20.50 17.63 -20.13
N ALA A 37 20.53 18.51 -19.12
CA ALA A 37 20.44 19.95 -19.38
C ALA A 37 21.79 20.58 -19.74
N SER A 38 22.89 19.93 -19.40
CA SER A 38 24.19 20.59 -19.46
C SER A 38 24.56 21.19 -20.82
N PRO A 39 24.33 20.53 -21.97
CA PRO A 39 24.68 21.20 -23.24
C PRO A 39 23.70 22.25 -23.72
N LEU A 40 22.47 22.29 -23.21
CA LEU A 40 21.46 23.16 -23.78
C LEU A 40 21.74 24.67 -23.67
N PRO A 41 22.39 25.20 -22.62
CA PRO A 41 22.73 26.65 -22.66
C PRO A 41 23.60 27.03 -23.84
N PHE A 42 24.16 26.07 -24.57
CA PHE A 42 25.10 26.35 -25.64
C PHE A 42 24.55 26.03 -27.02
N TYR A 43 23.29 25.61 -27.08
CA TYR A 43 22.65 25.30 -28.34
C TYR A 43 22.35 26.57 -29.13
N SER A 44 22.55 26.51 -30.43
CA SER A 44 22.10 27.58 -31.32
C SER A 44 20.57 27.58 -31.43
N GLU A 45 20.02 28.70 -31.91
CA GLU A 45 18.59 28.75 -32.16
C GLU A 45 18.16 27.67 -33.15
N GLN A 46 19.00 27.36 -34.14
CA GLN A 46 18.61 26.35 -35.11
C GLN A 46 18.69 24.96 -34.52
N GLN A 47 19.68 24.71 -33.66
CA GLN A 47 19.79 23.43 -32.98
C GLN A 47 18.52 23.11 -32.22
N MET A 48 18.04 24.07 -31.41
CA MET A 48 16.83 23.84 -30.62
C MET A 48 15.65 23.52 -31.52
N LYS A 49 15.48 24.26 -32.62
CA LYS A 49 14.44 23.93 -33.58
C LYS A 49 14.63 22.54 -34.18
N ASP A 50 15.88 22.12 -34.38
CA ASP A 50 16.13 20.85 -35.03
C ASP A 50 15.76 19.67 -34.14
N ILE A 51 16.03 19.77 -32.85
CA ILE A 51 15.72 18.66 -31.96
C ILE A 51 14.22 18.66 -31.60
N LYS A 52 13.60 19.84 -31.49
CA LYS A 52 12.14 19.89 -31.37
C LYS A 52 11.48 19.27 -32.60
N ALA A 53 11.98 19.59 -33.80
CA ALA A 53 11.39 19.00 -34.99
C ALA A 53 11.66 17.51 -35.05
N CYS A 54 12.83 17.06 -34.59
CA CYS A 54 13.11 15.62 -34.63
C CYS A 54 12.19 14.87 -33.67
N ALA A 55 12.02 15.38 -32.45
CA ALA A 55 11.16 14.71 -31.48
C ALA A 55 9.73 14.61 -32.00
N GLU A 56 9.23 15.68 -32.62
CA GLU A 56 7.86 15.66 -33.13
C GLU A 56 7.72 14.66 -34.27
N ALA A 57 8.73 14.59 -35.15
CA ALA A 57 8.64 13.66 -36.27
C ALA A 57 8.65 12.21 -35.82
N ASN A 58 9.19 11.94 -34.63
CA ASN A 58 9.31 10.60 -34.09
C ASN A 58 8.27 10.30 -33.02
N GLY A 59 7.30 11.18 -32.82
CA GLY A 59 6.30 10.98 -31.78
C GLY A 59 6.91 10.86 -30.39
N ILE A 60 8.05 11.49 -30.16
CA ILE A 60 8.73 11.45 -28.87
C ILE A 60 8.47 12.75 -28.14
N THR A 61 8.10 12.65 -26.86
CA THR A 61 8.11 13.81 -25.97
C THR A 61 9.42 13.86 -25.21
N LEU A 62 9.99 15.06 -25.09
CA LEU A 62 11.27 15.24 -24.40
C LEU A 62 11.05 15.81 -23.02
N THR A 63 11.68 15.20 -22.02
CA THR A 63 11.81 15.82 -20.71
C THR A 63 13.29 16.10 -20.43
N CYS A 64 13.56 16.87 -19.37
CA CYS A 64 14.93 17.31 -19.10
C CYS A 64 15.31 16.99 -17.65
N GLY A 65 16.49 16.43 -17.44
CA GLY A 65 17.03 16.21 -16.11
C GLY A 65 18.27 17.08 -15.90
N HIS A 66 18.48 17.54 -14.67
CA HIS A 66 19.68 18.32 -14.39
C HIS A 66 20.15 18.12 -12.96
N GLY A 67 21.45 17.83 -12.80
CA GLY A 67 22.10 17.92 -11.51
C GLY A 67 23.00 19.15 -11.46
N PRO A 68 22.61 20.15 -10.67
CA PRO A 68 23.32 21.44 -10.72
C PRO A 68 24.76 21.36 -10.22
N SER A 69 25.65 22.08 -10.90
CA SER A 69 27.01 22.26 -10.41
C SER A 69 27.00 23.12 -9.14
N PRO A 70 28.11 23.13 -8.39
CA PRO A 70 28.17 23.99 -7.20
C PRO A 70 27.93 25.46 -7.52
N ASP A 71 28.26 25.91 -8.73
CA ASP A 71 28.02 27.29 -9.10
C ASP A 71 26.55 27.59 -9.41
N GLN A 72 25.67 26.59 -9.31
CA GLN A 72 24.24 26.76 -9.56
C GLN A 72 23.38 26.37 -8.36
N ASN A 73 23.94 26.44 -7.17
CA ASN A 73 23.27 26.04 -5.93
C ASN A 73 22.39 27.19 -5.46
N LEU A 74 21.07 27.04 -5.61
CA LEU A 74 20.14 28.09 -5.18
C LEU A 74 20.10 28.23 -3.66
N ALA A 75 20.57 27.23 -2.90
CA ALA A 75 20.62 27.35 -1.44
C ALA A 75 21.91 28.00 -0.94
N SER A 76 22.79 28.43 -1.84
CA SER A 76 24.14 28.83 -1.45
C SER A 76 24.13 30.06 -0.53
N SER A 77 24.99 30.00 0.50
CA SER A 77 25.18 31.15 1.38
C SER A 77 25.92 32.29 0.68
N ASP A 78 26.45 32.06 -0.52
CA ASP A 78 27.11 33.09 -1.30
C ASP A 78 26.09 33.75 -2.22
N PRO A 79 25.84 35.07 -2.08
CA PRO A 79 24.85 35.72 -2.96
C PRO A 79 25.26 35.75 -4.41
N ALA A 80 26.56 35.77 -4.73
CA ALA A 80 26.97 35.69 -6.13
C ALA A 80 26.58 34.34 -6.74
N VAL A 81 26.68 33.27 -5.96
CA VAL A 81 26.31 31.95 -6.51
C VAL A 81 24.80 31.88 -6.71
N ARG A 82 24.03 32.31 -5.71
CA ARG A 82 22.57 32.31 -5.87
C ARG A 82 22.17 33.09 -7.11
N ALA A 83 22.89 34.20 -7.39
CA ALA A 83 22.56 35.04 -8.54
C ALA A 83 22.93 34.35 -9.85
N HIS A 84 24.09 33.69 -9.91
CA HIS A 84 24.43 32.93 -11.10
C HIS A 84 23.48 31.76 -11.31
N ALA A 85 23.15 31.04 -10.23
CA ALA A 85 22.17 29.95 -10.31
C ALA A 85 20.86 30.43 -10.91
N LYS A 86 20.37 31.60 -10.49
CA LYS A 86 19.12 32.11 -11.02
C LYS A 86 19.25 32.51 -12.49
N SER A 87 20.36 33.18 -12.85
CA SER A 87 20.62 33.45 -14.26
C SER A 87 20.72 32.15 -15.07
N PHE A 88 21.41 31.15 -14.53
CA PHE A 88 21.51 29.87 -15.23
C PHE A 88 20.12 29.27 -15.49
N PHE A 89 19.28 29.14 -14.45
CA PHE A 89 17.99 28.47 -14.63
C PHE A 89 17.01 29.31 -15.46
N THR A 90 17.06 30.64 -15.34
CA THR A 90 16.24 31.49 -16.21
C THR A 90 16.53 31.23 -17.68
N ASP A 91 17.81 31.21 -18.07
CA ASP A 91 18.15 30.99 -19.46
C ASP A 91 17.81 29.57 -19.89
N LEU A 92 18.00 28.59 -19.00
CA LEU A 92 17.65 27.22 -19.34
C LEU A 92 16.15 27.04 -19.56
N LEU A 93 15.33 27.68 -18.71
CA LEU A 93 13.88 27.51 -18.84
C LEU A 93 13.40 28.08 -20.17
N SER A 94 13.95 29.22 -20.59
CA SER A 94 13.65 29.79 -21.91
C SER A 94 14.03 28.85 -23.03
N ARG A 95 15.16 28.17 -22.90
CA ARG A 95 15.57 27.24 -23.94
C ARG A 95 14.71 25.99 -23.94
N LEU A 96 14.31 25.51 -22.77
CA LEU A 96 13.32 24.44 -22.72
C LEU A 96 12.03 24.85 -23.42
N GLU A 97 11.60 26.11 -23.24
CA GLU A 97 10.38 26.53 -23.90
C GLU A 97 10.55 26.55 -25.42
N LYS A 98 11.73 26.95 -25.88
CA LYS A 98 12.03 26.94 -27.31
C LYS A 98 12.07 25.52 -27.86
N MET A 99 12.38 24.53 -27.03
CA MET A 99 12.44 23.15 -27.44
C MET A 99 11.17 22.37 -27.15
N ASP A 100 10.13 23.03 -26.64
CA ASP A 100 8.84 22.40 -26.35
C ASP A 100 8.98 21.31 -25.28
N ILE A 101 9.83 21.57 -24.29
CA ILE A 101 10.03 20.71 -23.14
C ILE A 101 9.32 21.36 -21.96
N HIS A 102 8.48 20.58 -21.27
CA HIS A 102 7.63 21.12 -20.21
C HIS A 102 7.93 20.53 -18.83
N VAL A 103 9.00 19.76 -18.69
CA VAL A 103 9.39 19.19 -17.41
C VAL A 103 10.89 19.36 -17.25
N ILE A 104 11.31 19.87 -16.09
CA ILE A 104 12.69 19.75 -15.65
C ILE A 104 12.64 19.15 -14.25
N GLY A 105 13.54 18.22 -13.99
CA GLY A 105 13.57 17.52 -12.71
C GLY A 105 14.99 17.17 -12.33
N GLY A 106 15.22 17.01 -11.04
CA GLY A 106 16.54 16.77 -10.50
C GLY A 106 16.71 17.51 -9.18
N GLY A 107 17.94 17.60 -8.71
CA GLY A 107 18.18 18.31 -7.47
C GLY A 107 18.29 19.80 -7.72
N ILE A 108 17.29 20.41 -8.37
CA ILE A 108 17.40 21.77 -8.88
C ILE A 108 16.94 22.76 -7.82
N TYR A 109 16.94 22.31 -6.58
CA TYR A 109 16.86 23.12 -5.38
C TYR A 109 18.18 23.13 -4.60
N SER A 110 19.16 22.32 -5.03
CA SER A 110 20.46 22.20 -4.36
C SER A 110 21.56 22.08 -5.41
N TYR A 111 22.51 21.16 -5.22
CA TYR A 111 23.49 20.90 -6.26
C TYR A 111 23.87 19.43 -6.15
N TRP A 112 24.28 18.84 -7.27
CA TRP A 112 24.44 17.39 -7.29
C TRP A 112 25.65 17.02 -8.14
N PRO A 113 26.59 16.11 -7.57
CA PRO A 113 26.59 15.33 -6.28
C PRO A 113 27.17 16.03 -5.05
N VAL A 114 26.32 16.46 -4.11
CA VAL A 114 26.79 17.18 -2.91
C VAL A 114 28.09 16.72 -2.28
N ASP A 115 29.06 17.63 -2.18
CA ASP A 115 30.29 17.29 -1.47
C ASP A 115 30.01 17.57 -0.01
N TYR A 116 30.28 16.62 0.87
CA TYR A 116 29.97 16.80 2.27
C TYR A 116 31.17 17.22 3.10
N SER A 117 32.22 17.68 2.43
CA SER A 117 33.42 18.14 3.13
C SER A 117 33.10 19.38 3.93
N MET A 118 32.32 20.28 3.34
CA MET A 118 31.94 21.51 4.02
C MET A 118 30.93 21.22 5.12
N PRO A 119 30.86 22.09 6.15
CA PRO A 119 29.82 21.88 7.16
C PRO A 119 28.44 22.15 6.56
N ILE A 120 27.50 21.23 6.70
CA ILE A 120 26.20 21.40 6.05
C ILE A 120 25.33 22.26 6.96
N ASP A 121 24.78 23.33 6.40
CA ASP A 121 23.83 24.17 7.12
C ASP A 121 22.45 23.94 6.50
N LYS A 122 21.70 22.99 7.07
CA LYS A 122 20.41 22.63 6.47
C LYS A 122 19.33 23.67 6.74
N PRO A 123 19.06 24.08 7.99
CA PRO A 123 18.01 25.09 8.20
C PRO A 123 18.22 26.34 7.38
N GLY A 124 19.48 26.77 7.22
CA GLY A 124 19.75 27.97 6.46
C GLY A 124 19.62 27.77 4.97
N ASP A 125 20.22 26.69 4.44
CA ASP A 125 20.12 26.39 3.01
C ASP A 125 18.68 26.11 2.61
N TRP A 126 17.95 25.41 3.47
CA TRP A 126 16.53 25.19 3.22
C TRP A 126 15.83 26.53 2.95
N ALA A 127 15.98 27.48 3.88
CA ALA A 127 15.28 28.76 3.74
C ALA A 127 15.74 29.50 2.49
N ARG A 128 17.05 29.53 2.25
CA ARG A 128 17.55 30.12 1.00
C ARG A 128 16.98 29.40 -0.21
N SER A 129 16.93 28.07 -0.15
CA SER A 129 16.50 27.30 -1.31
C SER A 129 15.03 27.56 -1.65
N VAL A 130 14.15 27.49 -0.65
CA VAL A 130 12.73 27.80 -0.87
C VAL A 130 12.59 29.14 -1.58
N GLU A 131 13.34 30.15 -1.13
CA GLU A 131 13.23 31.47 -1.73
C GLU A 131 13.65 31.47 -3.18
N GLY A 132 14.78 30.83 -3.48
CA GLY A 132 15.24 30.79 -4.85
C GLY A 132 14.30 30.01 -5.75
N VAL A 133 13.83 28.85 -5.29
CA VAL A 133 12.87 28.06 -6.06
C VAL A 133 11.57 28.85 -6.29
N ALA A 134 11.07 29.55 -5.27
CA ALA A 134 9.85 30.35 -5.48
C ALA A 134 10.07 31.42 -6.54
N GLU A 135 11.27 32.01 -6.58
CA GLU A 135 11.56 32.97 -7.64
C GLU A 135 11.67 32.27 -9.00
N MET A 136 12.27 31.08 -9.06
CA MET A 136 12.33 30.36 -10.34
C MET A 136 10.94 29.87 -10.77
N ALA A 137 10.05 29.62 -9.82
CA ALA A 137 8.70 29.17 -10.17
C ALA A 137 8.01 30.15 -11.11
N LYS A 138 8.21 31.45 -10.88
CA LYS A 138 7.63 32.47 -11.75
C LYS A 138 8.22 32.40 -13.16
N VAL A 139 9.53 32.20 -13.27
CA VAL A 139 10.12 31.95 -14.58
C VAL A 139 9.56 30.65 -15.17
N ALA A 140 9.51 29.59 -14.37
CA ALA A 140 8.91 28.33 -14.82
C ALA A 140 7.52 28.56 -15.41
N GLU A 141 6.66 29.33 -14.70
CA GLU A 141 5.33 29.58 -15.23
C GLU A 141 5.39 30.26 -16.60
N SER A 142 6.28 31.25 -16.76
CA SER A 142 6.27 31.99 -18.02
C SER A 142 6.76 31.15 -19.19
N CYS A 143 7.57 30.12 -18.95
CA CYS A 143 8.08 29.30 -20.03
C CYS A 143 7.29 28.01 -20.19
N GLY A 144 6.22 27.83 -19.41
CA GLY A 144 5.39 26.62 -19.50
C GLY A 144 6.05 25.35 -19.00
N VAL A 145 6.80 25.42 -17.90
CA VAL A 145 7.64 24.31 -17.47
C VAL A 145 7.35 23.98 -16.01
N ASP A 146 7.03 22.70 -15.77
CA ASP A 146 6.97 22.16 -14.42
C ASP A 146 8.37 21.99 -13.84
N TYR A 147 8.59 22.58 -12.66
CA TYR A 147 9.86 22.58 -11.94
C TYR A 147 9.79 21.53 -10.84
N CYS A 148 10.29 20.33 -11.13
CA CYS A 148 10.08 19.15 -10.29
C CYS A 148 11.30 18.88 -9.40
N LEU A 149 11.10 18.94 -8.08
CA LEU A 149 12.21 18.81 -7.14
C LEU A 149 12.41 17.34 -6.81
N GLU A 150 13.54 16.76 -7.21
CA GLU A 150 13.77 15.33 -6.99
C GLU A 150 14.22 15.08 -5.56
N VAL A 151 13.51 14.19 -4.89
CA VAL A 151 13.85 13.68 -3.58
C VAL A 151 14.98 12.64 -3.71
N LEU A 152 16.08 12.83 -2.98
CA LEU A 152 17.28 12.02 -3.16
C LEU A 152 17.73 11.37 -1.86
N ASN A 153 18.28 10.16 -1.97
CA ASN A 153 18.87 9.51 -0.80
C ASN A 153 19.97 10.37 -0.19
N ARG A 154 20.27 10.12 1.08
CA ARG A 154 21.15 10.97 1.88
C ARG A 154 22.54 11.11 1.29
N PHE A 155 23.00 10.12 0.53
CA PHE A 155 24.37 10.16 0.02
C PHE A 155 24.53 11.14 -1.14
N GLU A 156 23.42 11.52 -1.78
CA GLU A 156 23.49 12.38 -2.94
C GLU A 156 22.86 13.75 -2.72
N GLY A 157 22.04 13.91 -1.66
CA GLY A 157 21.46 15.18 -1.28
C GLY A 157 21.15 15.19 0.20
N TYR A 158 20.89 16.40 0.71
CA TYR A 158 20.62 16.58 2.15
C TYR A 158 19.42 17.45 2.47
N LEU A 159 18.90 18.24 1.53
CA LEU A 159 17.73 19.06 1.83
C LEU A 159 16.43 18.24 1.76
N LEU A 160 16.28 17.42 0.71
CA LEU A 160 15.05 16.66 0.48
C LEU A 160 15.39 15.17 0.37
N ASN A 161 15.15 14.43 1.44
CA ASN A 161 15.42 13.00 1.45
C ASN A 161 14.16 12.14 1.44
N THR A 162 13.00 12.68 1.83
CA THR A 162 11.75 11.92 1.86
C THR A 162 10.64 12.75 1.22
N ALA A 163 9.62 12.05 0.73
CA ALA A 163 8.47 12.76 0.16
C ALA A 163 7.82 13.70 1.16
N GLU A 164 7.80 13.32 2.44
CA GLU A 164 7.25 14.19 3.48
C GLU A 164 7.97 15.53 3.53
N GLU A 165 9.30 15.50 3.38
CA GLU A 165 10.06 16.74 3.33
C GLU A 165 9.73 17.52 2.07
N ALA A 166 9.59 16.85 0.93
CA ALA A 166 9.29 17.57 -0.30
C ALA A 166 7.93 18.26 -0.22
N VAL A 167 6.97 17.65 0.47
CA VAL A 167 5.64 18.26 0.59
C VAL A 167 5.75 19.57 1.34
N GLN A 168 6.40 19.53 2.51
CA GLN A 168 6.56 20.75 3.30
C GLN A 168 7.24 21.83 2.49
N PHE A 169 8.27 21.45 1.72
CA PHE A 169 9.02 22.40 0.92
C PHE A 169 8.15 23.01 -0.16
N VAL A 170 7.42 22.19 -0.92
CA VAL A 170 6.67 22.73 -2.05
C VAL A 170 5.46 23.52 -1.56
N GLN A 171 4.90 23.16 -0.39
CA GLN A 171 3.83 23.97 0.20
C GLN A 171 4.37 25.31 0.69
N GLU A 172 5.60 25.35 1.18
CA GLU A 172 6.22 26.63 1.46
C GLU A 172 6.34 27.46 0.18
N VAL A 173 6.88 26.87 -0.88
CA VAL A 173 6.94 27.55 -2.18
C VAL A 173 5.54 28.03 -2.61
N ASN A 174 4.57 27.13 -2.57
CA ASN A 174 3.18 27.49 -2.87
C ASN A 174 3.03 28.11 -4.27
N HIS A 175 3.33 27.31 -5.29
CA HIS A 175 3.25 27.75 -6.68
C HIS A 175 3.00 26.44 -7.42
N PRO A 176 1.97 26.37 -8.27
CA PRO A 176 1.64 25.08 -8.91
C PRO A 176 2.70 24.57 -9.87
N ARG A 177 3.62 25.44 -10.31
CA ARG A 177 4.73 24.97 -11.14
C ARG A 177 5.83 24.27 -10.38
N VAL A 178 5.91 24.38 -9.05
CA VAL A 178 6.94 23.70 -8.29
C VAL A 178 6.31 22.43 -7.71
N LYS A 179 6.79 21.28 -8.19
CA LYS A 179 6.20 19.97 -7.93
C LYS A 179 7.24 19.04 -7.32
N ILE A 180 6.76 17.88 -6.86
CA ILE A 180 7.63 16.86 -6.28
C ILE A 180 7.95 15.85 -7.37
N MET A 181 9.18 15.37 -7.38
CA MET A 181 9.60 14.28 -8.24
C MET A 181 10.11 13.15 -7.36
N LEU A 182 9.56 11.95 -7.52
CA LEU A 182 10.01 10.80 -6.77
C LEU A 182 10.79 9.88 -7.71
N ASP A 183 11.55 8.96 -7.10
CA ASP A 183 12.41 8.07 -7.86
C ASP A 183 12.52 6.76 -7.08
N THR A 184 12.28 5.63 -7.74
CA THR A 184 12.24 4.36 -7.03
C THR A 184 13.58 4.01 -6.41
N PHE A 185 14.69 4.42 -7.03
CA PHE A 185 16.01 4.16 -6.45
C PHE A 185 16.18 4.92 -5.14
N HIS A 186 15.84 6.21 -5.13
CA HIS A 186 16.04 7.00 -3.93
C HIS A 186 14.99 6.69 -2.86
N MET A 187 13.73 6.48 -3.26
CA MET A 187 12.72 6.03 -2.31
C MET A 187 13.16 4.73 -1.63
N ASN A 188 13.75 3.84 -2.39
CA ASN A 188 14.10 2.52 -1.86
C ASN A 188 15.03 2.60 -0.65
N ILE A 189 15.79 3.68 -0.53
CA ILE A 189 16.68 3.87 0.60
C ILE A 189 15.94 4.58 1.74
N GLU A 190 15.39 5.78 1.47
CA GLU A 190 14.97 6.68 2.53
C GLU A 190 13.57 6.45 3.09
N GLU A 191 12.62 5.98 2.28
CA GLU A 191 11.20 6.01 2.66
C GLU A 191 10.83 4.88 3.62
N ASP A 192 10.01 5.22 4.61
CA ASP A 192 9.39 4.19 5.45
C ASP A 192 8.40 3.35 4.65
N SER A 193 7.78 3.93 3.63
CA SER A 193 6.76 3.26 2.85
C SER A 193 6.81 3.76 1.42
N ILE A 194 6.93 2.84 0.47
CA ILE A 194 6.94 3.25 -0.94
C ILE A 194 5.58 3.79 -1.33
N GLY A 195 4.54 2.98 -1.17
CA GLY A 195 3.20 3.45 -1.46
C GLY A 195 2.83 4.69 -0.66
N GLY A 196 3.19 4.70 0.63
CA GLY A 196 2.89 5.85 1.47
C GLY A 196 3.63 7.11 1.07
N ALA A 197 4.82 6.97 0.49
CA ALA A 197 5.51 8.16 -0.02
C ALA A 197 4.77 8.74 -1.22
N ILE A 198 4.32 7.87 -2.14
CA ILE A 198 3.60 8.32 -3.32
C ILE A 198 2.28 8.97 -2.94
N ARG A 199 1.49 8.31 -2.08
CA ARG A 199 0.21 8.88 -1.67
C ARG A 199 0.40 10.20 -0.94
N ARG A 200 1.52 10.32 -0.22
CA ARG A 200 1.86 11.56 0.47
C ARG A 200 2.15 12.68 -0.52
N ALA A 201 2.95 12.39 -1.55
CA ALA A 201 3.21 13.42 -2.56
C ALA A 201 1.92 13.82 -3.24
N GLY A 202 1.06 12.86 -3.56
CA GLY A 202 -0.26 13.09 -4.12
C GLY A 202 -0.36 14.12 -5.22
N GLN A 203 -1.14 15.15 -5.01
CA GLN A 203 -1.35 16.18 -6.03
C GLN A 203 -0.11 16.96 -6.39
N HIS A 204 0.87 16.94 -5.53
CA HIS A 204 2.14 17.61 -5.82
C HIS A 204 3.09 16.78 -6.68
N LEU A 205 2.79 15.51 -6.96
CA LEU A 205 3.70 14.69 -7.74
C LEU A 205 3.71 15.15 -9.19
N GLY A 206 4.88 15.55 -9.69
CA GLY A 206 4.96 16.12 -11.02
C GLY A 206 5.81 15.35 -12.02
N HIS A 207 6.65 14.43 -11.55
CA HIS A 207 7.57 13.65 -12.37
C HIS A 207 7.98 12.41 -11.57
N PHE A 208 8.38 11.35 -12.28
CA PHE A 208 8.61 10.10 -11.59
C PHE A 208 9.71 9.33 -12.31
N HIS A 209 10.73 8.91 -11.56
CA HIS A 209 11.85 8.14 -12.09
C HIS A 209 11.78 6.69 -11.60
N THR A 210 12.04 5.74 -12.50
CA THR A 210 12.04 4.33 -12.13
C THR A 210 13.41 3.71 -12.36
N GLY A 211 13.64 2.60 -11.68
CA GLY A 211 14.93 1.93 -11.65
C GLY A 211 14.96 0.93 -10.52
N GLU A 212 15.63 -0.21 -10.71
CA GLU A 212 15.69 -1.17 -9.63
C GLU A 212 16.59 -0.65 -8.52
N CYS A 213 16.64 -1.41 -7.41
CA CYS A 213 17.33 -0.96 -6.20
C CYS A 213 18.80 -0.68 -6.47
N ASN A 214 19.41 -1.44 -7.37
CA ASN A 214 20.79 -1.20 -7.76
C ASN A 214 20.89 -0.59 -9.15
N ARG A 215 19.79 -0.02 -9.64
CA ARG A 215 19.69 0.78 -10.86
C ARG A 215 19.71 -0.05 -12.15
N ARG A 216 19.47 -1.37 -12.08
CA ARG A 216 19.07 -2.12 -13.26
C ARG A 216 17.73 -1.58 -13.83
N VAL A 217 17.39 -2.05 -15.03
CA VAL A 217 16.14 -1.68 -15.69
C VAL A 217 14.99 -2.29 -14.88
N PRO A 218 13.82 -1.65 -14.87
CA PRO A 218 12.68 -2.19 -14.13
C PRO A 218 12.41 -3.65 -14.45
N GLY A 219 12.12 -4.43 -13.41
CA GLY A 219 11.80 -5.82 -13.53
C GLY A 219 12.95 -6.75 -13.29
N ARG A 220 14.16 -6.20 -13.17
CA ARG A 220 15.34 -6.98 -12.86
C ARG A 220 15.77 -6.79 -11.41
N GLY A 221 14.80 -6.64 -10.52
CA GLY A 221 15.09 -6.50 -9.12
C GLY A 221 13.97 -6.50 -8.15
N ARG A 222 14.18 -5.94 -6.99
CA ARG A 222 13.21 -6.00 -5.94
C ARG A 222 12.32 -4.80 -5.74
N THR A 223 12.20 -4.00 -6.76
CA THR A 223 11.36 -2.84 -6.67
C THR A 223 9.84 -3.26 -6.54
N PRO A 224 9.11 -2.77 -5.52
CA PRO A 224 7.70 -3.18 -5.40
C PRO A 224 6.80 -2.55 -6.47
N TRP A 225 6.88 -3.08 -7.70
CA TRP A 225 6.18 -2.48 -8.83
C TRP A 225 4.66 -2.46 -8.62
N ARG A 226 4.10 -3.53 -8.09
CA ARG A 226 2.65 -3.57 -7.95
C ARG A 226 2.17 -2.53 -6.95
N GLU A 227 2.89 -2.38 -5.83
CA GLU A 227 2.53 -1.36 -4.84
C GLU A 227 2.65 0.04 -5.43
N ILE A 228 3.60 0.24 -6.34
CA ILE A 228 3.81 1.55 -6.93
C ILE A 228 2.73 1.87 -7.95
N GLY A 229 2.38 0.91 -8.80
CA GLY A 229 1.32 1.13 -9.76
C GLY A 229 -0.01 1.42 -9.08
N GLU A 230 -0.27 0.73 -7.97
CA GLU A 230 -1.48 0.98 -7.19
C GLU A 230 -1.52 2.40 -6.63
N ALA A 231 -0.42 2.85 -6.01
CA ALA A 231 -0.39 4.18 -5.41
C ALA A 231 -0.45 5.28 -6.47
N LEU A 232 0.28 5.13 -7.57
CA LEU A 232 0.17 6.09 -8.66
C LEU A 232 -1.27 6.21 -9.16
N ARG A 233 -1.96 5.08 -9.33
CA ARG A 233 -3.33 5.16 -9.80
C ARG A 233 -4.27 5.73 -8.74
N ASP A 234 -4.08 5.35 -7.46
CA ASP A 234 -4.88 5.93 -6.39
C ASP A 234 -4.78 7.46 -6.37
N ILE A 235 -3.60 8.04 -6.60
CA ILE A 235 -3.45 9.49 -6.54
C ILE A 235 -3.73 10.17 -7.88
N GLY A 236 -4.07 9.42 -8.91
CA GLY A 236 -4.42 10.06 -10.17
C GLY A 236 -3.24 10.66 -10.90
N TYR A 237 -2.06 10.06 -10.77
CA TYR A 237 -0.88 10.56 -11.45
C TYR A 237 -0.99 10.29 -12.94
N THR A 238 -0.81 11.34 -13.75
CA THR A 238 -0.86 11.22 -15.19
C THR A 238 0.37 11.79 -15.86
N GLY A 239 1.44 12.07 -15.11
CA GLY A 239 2.67 12.57 -15.67
C GLY A 239 3.53 11.47 -16.26
N ALA A 240 4.82 11.77 -16.42
CA ALA A 240 5.75 10.85 -17.06
C ALA A 240 6.32 9.85 -16.06
N VAL A 241 6.66 8.67 -16.58
CA VAL A 241 7.40 7.66 -15.84
C VAL A 241 8.65 7.37 -16.66
N VAL A 242 9.81 7.83 -16.19
CA VAL A 242 11.04 7.74 -16.95
C VAL A 242 11.98 6.81 -16.21
N MET A 243 12.37 5.72 -16.85
CA MET A 243 13.34 4.83 -16.24
C MET A 243 14.74 5.41 -16.43
N GLU A 244 15.56 5.27 -15.40
CA GLU A 244 16.91 5.83 -15.34
C GLU A 244 17.87 4.72 -14.91
N PRO A 245 18.06 3.72 -15.77
CA PRO A 245 18.94 2.61 -15.41
C PRO A 245 20.39 2.97 -15.71
N PHE A 246 21.29 2.49 -14.86
CA PHE A 246 22.74 2.75 -14.97
C PHE A 246 23.47 1.42 -14.84
N VAL A 247 23.97 0.87 -15.95
CA VAL A 247 24.50 -0.48 -15.95
C VAL A 247 25.96 -0.56 -16.44
N ARG A 248 26.62 0.55 -16.74
CA ARG A 248 28.00 0.50 -17.24
C ARG A 248 28.95 1.38 -16.41
N MET A 249 30.19 0.90 -16.28
CA MET A 249 31.25 1.65 -15.60
C MET A 249 31.88 2.66 -16.55
N GLY A 250 32.32 3.79 -15.99
CA GLY A 250 33.22 4.68 -16.68
C GLY A 250 32.68 6.11 -16.76
N GLY A 251 33.60 7.01 -17.11
CA GLY A 251 33.55 8.44 -17.24
C GLY A 251 32.98 9.08 -15.99
N GLN A 252 32.36 10.25 -16.21
CA GLN A 252 31.67 10.94 -15.13
C GLN A 252 30.29 10.37 -14.79
N VAL A 253 29.66 9.58 -15.67
CA VAL A 253 28.44 8.89 -15.21
C VAL A 253 28.81 7.84 -14.17
N GLY A 254 29.73 6.95 -14.50
CA GLY A 254 30.23 5.95 -13.56
C GLY A 254 30.63 6.60 -12.25
N SER A 255 31.28 7.77 -12.34
CA SER A 255 31.85 8.42 -11.18
C SER A 255 30.78 9.15 -10.36
N ASP A 256 29.88 9.88 -11.02
CA ASP A 256 28.82 10.52 -10.26
C ASP A 256 27.81 9.51 -9.75
N ILE A 257 27.57 8.43 -10.52
CA ILE A 257 26.59 7.42 -10.09
C ILE A 257 27.23 6.40 -9.14
N LYS A 258 28.55 6.23 -9.19
CA LYS A 258 29.33 5.23 -8.43
C LYS A 258 29.00 3.84 -8.94
N ILE A 259 29.23 3.62 -10.23
CA ILE A 259 29.04 2.33 -10.86
C ILE A 259 30.39 1.61 -10.84
N TRP A 260 30.53 0.64 -9.94
CA TRP A 260 31.82 0.01 -9.68
C TRP A 260 31.89 -1.42 -10.21
N ARG A 261 30.87 -1.87 -10.93
CA ARG A 261 30.89 -3.17 -11.59
C ARG A 261 30.02 -3.04 -12.84
N GLU A 262 30.34 -3.84 -13.85
CA GLU A 262 29.50 -3.92 -15.04
C GLU A 262 28.29 -4.80 -14.72
N MET A 263 27.09 -4.22 -14.76
CA MET A 263 25.91 -4.91 -14.26
C MET A 263 25.55 -6.12 -15.13
N ASN A 264 25.60 -5.96 -16.46
CA ASN A 264 25.42 -7.07 -17.40
C ASN A 264 26.77 -7.38 -18.03
N PRO A 265 27.59 -8.25 -17.41
CA PRO A 265 28.97 -8.47 -17.90
C PRO A 265 29.08 -8.65 -19.40
N GLY A 266 29.82 -7.76 -20.07
CA GLY A 266 30.01 -7.85 -21.50
C GLY A 266 28.70 -7.86 -22.29
N ALA A 267 27.94 -6.77 -22.20
CA ALA A 267 26.68 -6.63 -22.92
C ALA A 267 26.84 -5.55 -23.97
N ASP A 268 26.57 -5.89 -25.23
CA ASP A 268 26.66 -4.88 -26.28
C ASP A 268 25.46 -3.94 -26.23
N ASP A 269 25.55 -2.84 -26.98
CA ASP A 269 24.46 -1.86 -26.97
C ASP A 269 23.17 -2.44 -27.54
N ALA A 270 23.27 -3.51 -28.36
CA ALA A 270 22.07 -4.20 -28.83
C ALA A 270 21.40 -4.94 -27.68
N GLN A 271 22.20 -5.49 -26.76
CA GLN A 271 21.64 -6.13 -25.57
C GLN A 271 20.98 -5.10 -24.65
N LEU A 272 21.62 -3.96 -24.44
CA LEU A 272 21.00 -2.93 -23.60
C LEU A 272 19.70 -2.44 -24.22
N ASP A 273 19.64 -2.41 -25.55
CA ASP A 273 18.41 -2.05 -26.25
C ASP A 273 17.30 -3.04 -25.95
N LEU A 274 17.56 -4.33 -26.12
CA LEU A 274 16.55 -5.33 -25.83
C LEU A 274 16.11 -5.25 -24.37
N ASP A 275 17.03 -4.97 -23.45
CA ASP A 275 16.67 -4.87 -22.04
C ASP A 275 15.72 -3.70 -21.80
N ALA A 276 15.96 -2.58 -22.47
CA ALA A 276 15.11 -1.41 -22.31
C ALA A 276 13.73 -1.63 -22.92
N LYS A 277 13.67 -2.25 -24.09
CA LYS A 277 12.39 -2.58 -24.73
C LYS A 277 11.56 -3.50 -23.84
N ASN A 278 12.19 -4.54 -23.29
CA ASN A 278 11.48 -5.44 -22.38
C ASN A 278 11.07 -4.71 -21.10
N ALA A 279 11.91 -3.80 -20.62
CA ALA A 279 11.64 -3.15 -19.34
C ALA A 279 10.46 -2.19 -19.45
N VAL A 280 10.35 -1.46 -20.57
CA VAL A 280 9.25 -0.52 -20.71
C VAL A 280 7.94 -1.28 -21.00
N THR A 281 8.03 -2.45 -21.64
CA THR A 281 6.85 -3.29 -21.74
C THR A 281 6.35 -3.68 -20.36
N PHE A 282 7.24 -4.20 -19.53
CA PHE A 282 6.93 -4.54 -18.14
C PHE A 282 6.41 -3.31 -17.38
N GLN A 283 7.10 -2.19 -17.52
CA GLN A 283 6.70 -0.99 -16.77
C GLN A 283 5.27 -0.57 -17.10
N ARG A 284 4.91 -0.58 -18.39
CA ARG A 284 3.55 -0.20 -18.76
C ARG A 284 2.56 -1.20 -18.21
N TYR A 285 2.97 -2.46 -18.20
CA TYR A 285 2.10 -3.51 -17.73
C TYR A 285 1.84 -3.39 -16.24
N MET A 286 2.88 -3.07 -15.47
CA MET A 286 2.72 -2.94 -14.02
C MET A 286 2.03 -1.64 -13.61
N LEU A 287 2.23 -0.55 -14.36
CA LEU A 287 1.82 0.75 -13.85
C LEU A 287 0.57 1.32 -14.48
N ASP A 288 0.30 1.01 -15.74
CA ASP A 288 -0.87 1.55 -16.42
C ASP A 288 -2.14 0.94 -15.86
N MET B 1 -5.93 0.02 19.10
CA MET B 1 -6.52 -1.29 18.86
C MET B 1 -6.33 -2.21 20.05
N LYS B 2 -7.30 -3.09 20.26
CA LYS B 2 -7.20 -4.20 21.18
C LYS B 2 -6.94 -5.48 20.40
N HIS B 3 -6.14 -6.38 20.98
CA HIS B 3 -5.68 -7.59 20.32
C HIS B 3 -6.24 -8.84 21.00
N GLY B 4 -6.87 -9.70 20.22
CA GLY B 4 -7.47 -10.91 20.77
C GLY B 4 -7.08 -12.21 20.08
N ILE B 5 -7.71 -13.30 20.49
CA ILE B 5 -7.44 -14.63 19.96
C ILE B 5 -8.70 -15.46 20.07
N TYR B 6 -9.02 -16.18 19.01
CA TYR B 6 -10.15 -17.09 19.02
C TYR B 6 -9.87 -18.24 19.98
N TYR B 7 -10.92 -18.72 20.66
CA TYR B 7 -10.76 -19.78 21.65
C TYR B 7 -10.36 -21.09 20.99
N ALA B 8 -10.89 -21.36 19.79
CA ALA B 8 -10.69 -22.63 19.11
C ALA B 8 -9.22 -22.89 18.77
N TYR B 9 -8.35 -21.92 19.09
CA TYR B 9 -6.91 -22.16 18.97
C TYR B 9 -6.47 -23.35 19.81
N TRP B 10 -7.18 -23.63 20.90
CA TRP B 10 -6.83 -24.69 21.82
C TRP B 10 -7.73 -25.90 21.72
N GLU B 11 -8.87 -25.76 21.05
CA GLU B 11 -9.87 -26.81 21.01
C GLU B 11 -9.69 -27.71 19.79
N LYS B 12 -10.13 -28.95 19.95
CA LYS B 12 -10.30 -29.86 18.82
C LYS B 12 -11.77 -30.02 18.47
N GLN B 13 -12.66 -29.40 19.24
CA GLN B 13 -14.10 -29.41 19.00
C GLN B 13 -14.67 -28.02 19.21
N TRP B 14 -15.75 -27.73 18.48
CA TRP B 14 -16.38 -26.42 18.42
C TRP B 14 -17.22 -26.12 19.65
N GLN B 15 -16.64 -26.28 20.83
CA GLN B 15 -17.45 -26.31 22.05
C GLN B 15 -16.56 -26.42 23.27
N ALA B 16 -16.68 -25.46 24.18
CA ALA B 16 -15.91 -25.49 25.41
C ALA B 16 -16.57 -24.54 26.38
N ASP B 17 -16.28 -24.72 27.66
CA ASP B 17 -16.61 -23.68 28.62
C ASP B 17 -15.58 -22.58 28.45
N TYR B 18 -16.07 -21.36 28.30
CA TYR B 18 -15.19 -20.27 27.89
C TYR B 18 -14.36 -19.73 29.05
N ILE B 19 -14.79 -19.93 30.29
CA ILE B 19 -14.09 -19.31 31.42
C ILE B 19 -12.62 -19.70 31.49
N PRO B 20 -12.24 -20.98 31.33
CA PRO B 20 -10.80 -21.29 31.31
C PRO B 20 -10.02 -20.52 30.26
N TYR B 21 -10.63 -20.29 29.09
CA TYR B 21 -9.94 -19.59 28.01
C TYR B 21 -9.90 -18.08 28.25
N ILE B 22 -10.85 -17.52 28.99
CA ILE B 22 -10.73 -16.13 29.41
C ILE B 22 -9.52 -15.95 30.30
N GLU B 23 -9.37 -16.82 31.30
CA GLU B 23 -8.18 -16.80 32.15
C GLU B 23 -6.91 -16.97 31.32
N LYS B 24 -6.93 -17.90 30.36
CA LYS B 24 -5.73 -18.21 29.59
C LYS B 24 -5.29 -17.02 28.75
N ALA B 25 -6.25 -16.30 28.16
CA ALA B 25 -5.91 -15.09 27.41
C ALA B 25 -5.29 -14.04 28.30
N ALA B 26 -5.78 -13.93 29.54
CA ALA B 26 -5.24 -12.95 30.47
C ALA B 26 -3.77 -13.24 30.78
N GLN B 27 -3.45 -14.51 31.09
CA GLN B 27 -2.08 -14.85 31.45
C GLN B 27 -1.13 -14.68 30.26
N LEU B 28 -1.63 -14.89 29.04
CA LEU B 28 -0.81 -14.78 27.84
C LEU B 28 -0.77 -13.38 27.25
N GLY B 29 -1.45 -12.41 27.87
CA GLY B 29 -1.26 -11.02 27.49
C GLY B 29 -2.22 -10.50 26.45
N PHE B 30 -3.36 -11.14 26.24
CA PHE B 30 -4.35 -10.64 25.29
C PHE B 30 -5.26 -9.61 25.94
N ASP B 31 -5.89 -8.78 25.10
CA ASP B 31 -6.96 -7.90 25.54
C ASP B 31 -8.34 -8.49 25.29
N ILE B 32 -8.44 -9.47 24.40
CA ILE B 32 -9.73 -9.97 23.94
C ILE B 32 -9.67 -11.49 23.82
N LEU B 33 -10.77 -12.16 24.17
CA LEU B 33 -10.98 -13.56 23.86
C LEU B 33 -12.25 -13.65 23.03
N GLU B 34 -12.14 -14.22 21.83
CA GLU B 34 -13.28 -14.36 20.94
C GLU B 34 -13.88 -15.76 21.08
N ILE B 35 -15.21 -15.82 21.23
CA ILE B 35 -15.92 -17.05 21.49
C ILE B 35 -16.91 -17.33 20.36
N ALA B 36 -17.26 -18.61 20.23
CA ALA B 36 -18.31 -19.03 19.30
C ALA B 36 -19.69 -18.79 19.91
N ALA B 37 -20.66 -18.55 19.01
CA ALA B 37 -22.01 -18.19 19.45
C ALA B 37 -22.89 -19.40 19.75
N SER B 38 -22.52 -20.59 19.27
CA SER B 38 -23.45 -21.71 19.31
C SER B 38 -23.96 -22.07 20.71
N PRO B 39 -23.15 -22.05 21.78
CA PRO B 39 -23.70 -22.39 23.09
C PRO B 39 -24.58 -21.30 23.71
N LEU B 40 -24.45 -20.05 23.28
CA LEU B 40 -25.14 -18.97 23.96
C LEU B 40 -26.66 -19.12 24.00
N PRO B 41 -27.34 -19.58 22.94
CA PRO B 41 -28.79 -19.76 23.04
C PRO B 41 -29.23 -20.67 24.18
N PHE B 42 -28.35 -21.56 24.66
CA PHE B 42 -28.69 -22.54 25.69
C PHE B 42 -28.06 -22.21 27.03
N TYR B 43 -27.81 -20.93 27.27
CA TYR B 43 -27.26 -20.48 28.54
C TYR B 43 -28.40 -20.10 29.49
N SER B 44 -28.21 -20.39 30.77
CA SER B 44 -29.09 -19.82 31.78
C SER B 44 -28.84 -18.32 31.88
N GLU B 45 -29.82 -17.61 32.44
CA GLU B 45 -29.59 -16.20 32.76
C GLU B 45 -28.39 -16.05 33.68
N GLN B 46 -28.19 -17.01 34.59
CA GLN B 46 -27.01 -16.95 35.45
C GLN B 46 -25.74 -17.29 34.69
N GLN B 47 -25.82 -18.20 33.71
CA GLN B 47 -24.64 -18.60 32.95
C GLN B 47 -24.05 -17.42 32.19
N MET B 48 -24.90 -16.54 31.66
CA MET B 48 -24.40 -15.35 30.98
C MET B 48 -23.75 -14.40 31.97
N LYS B 49 -24.27 -14.33 33.19
CA LYS B 49 -23.65 -13.44 34.15
C LYS B 49 -22.35 -14.01 34.70
N ASP B 50 -22.26 -15.33 34.79
CA ASP B 50 -20.99 -15.96 35.11
C ASP B 50 -19.89 -15.49 34.16
N ILE B 51 -20.14 -15.63 32.85
CA ILE B 51 -19.11 -15.35 31.87
C ILE B 51 -18.79 -13.85 31.81
N LYS B 52 -19.82 -13.01 31.84
CA LYS B 52 -19.60 -11.56 31.88
C LYS B 52 -18.77 -11.17 33.10
N ALA B 53 -19.03 -11.80 34.25
CA ALA B 53 -18.29 -11.48 35.45
C ALA B 53 -16.82 -11.87 35.32
N CYS B 54 -16.56 -13.10 34.89
CA CYS B 54 -15.18 -13.56 34.80
C CYS B 54 -14.41 -12.76 33.77
N ALA B 55 -15.04 -12.47 32.62
CA ALA B 55 -14.41 -11.62 31.61
C ALA B 55 -13.95 -10.30 32.21
N GLU B 56 -14.85 -9.60 32.88
CA GLU B 56 -14.51 -8.33 33.50
C GLU B 56 -13.45 -8.50 34.59
N ALA B 57 -13.53 -9.59 35.35
CA ALA B 57 -12.57 -9.82 36.42
C ALA B 57 -11.13 -9.87 35.91
N ASN B 58 -10.92 -10.36 34.70
CA ASN B 58 -9.57 -10.59 34.17
C ASN B 58 -9.05 -9.43 33.33
N GLY B 59 -9.87 -8.42 33.05
CA GLY B 59 -9.45 -7.34 32.18
C GLY B 59 -9.57 -7.66 30.70
N ILE B 60 -10.47 -8.54 30.32
CA ILE B 60 -10.56 -9.08 28.97
C ILE B 60 -11.94 -8.81 28.42
N THR B 61 -12.02 -8.22 27.23
CA THR B 61 -13.30 -8.03 26.56
C THR B 61 -13.59 -9.20 25.65
N LEU B 62 -14.87 -9.50 25.49
CA LEU B 62 -15.30 -10.66 24.72
C LEU B 62 -15.87 -10.23 23.38
N THR B 63 -15.50 -10.97 22.34
CA THR B 63 -16.08 -10.79 21.02
C THR B 63 -16.72 -12.11 20.61
N CYS B 64 -17.49 -12.07 19.54
CA CYS B 64 -18.25 -13.25 19.15
C CYS B 64 -18.08 -13.51 17.66
N GLY B 65 -17.78 -14.76 17.33
CA GLY B 65 -17.79 -15.22 15.95
C GLY B 65 -18.89 -16.26 15.79
N HIS B 66 -19.44 -16.34 14.58
CA HIS B 66 -20.45 -17.36 14.34
C HIS B 66 -20.49 -17.72 12.88
N GLY B 67 -20.48 -19.03 12.60
CA GLY B 67 -20.75 -19.55 11.28
C GLY B 67 -22.13 -20.19 11.26
N PRO B 68 -23.10 -19.49 10.66
CA PRO B 68 -24.48 -19.95 10.72
C PRO B 68 -24.69 -21.35 10.17
N SER B 69 -25.64 -22.06 10.78
CA SER B 69 -26.09 -23.34 10.28
C SER B 69 -26.89 -23.13 9.00
N PRO B 70 -27.07 -24.19 8.20
CA PRO B 70 -27.98 -24.07 7.05
C PRO B 70 -29.37 -23.61 7.46
N ASP B 71 -29.82 -23.96 8.68
CA ASP B 71 -31.12 -23.54 9.19
C ASP B 71 -31.13 -22.08 9.58
N GLN B 72 -29.98 -21.40 9.51
CA GLN B 72 -29.84 -20.00 9.92
C GLN B 72 -29.50 -19.07 8.76
N ASN B 73 -29.79 -19.49 7.52
CA ASN B 73 -29.35 -18.78 6.32
C ASN B 73 -30.32 -17.64 6.00
N LEU B 74 -29.96 -16.41 6.39
CA LEU B 74 -30.84 -15.29 6.09
C LEU B 74 -31.10 -15.12 4.60
N ALA B 75 -30.21 -15.63 3.74
CA ALA B 75 -30.37 -15.50 2.30
C ALA B 75 -31.31 -16.53 1.69
N SER B 76 -31.69 -17.58 2.43
CA SER B 76 -32.39 -18.73 1.85
C SER B 76 -33.64 -18.33 1.06
N SER B 77 -33.88 -19.06 -0.04
CA SER B 77 -35.10 -18.89 -0.80
C SER B 77 -36.31 -19.56 -0.14
N ASP B 78 -36.10 -20.27 0.97
CA ASP B 78 -37.18 -20.83 1.74
C ASP B 78 -37.65 -19.81 2.78
N PRO B 79 -38.88 -19.31 2.70
CA PRO B 79 -39.39 -18.40 3.74
C PRO B 79 -39.23 -18.93 5.16
N ALA B 80 -39.50 -20.22 5.39
CA ALA B 80 -39.44 -20.75 6.75
C ALA B 80 -38.05 -20.65 7.35
N VAL B 81 -37.02 -20.75 6.51
CA VAL B 81 -35.66 -20.61 7.00
C VAL B 81 -35.35 -19.16 7.34
N ARG B 82 -35.67 -18.25 6.42
CA ARG B 82 -35.40 -16.84 6.67
C ARG B 82 -36.05 -16.37 7.96
N ALA B 83 -37.31 -16.80 8.18
CA ALA B 83 -37.99 -16.52 9.43
C ALA B 83 -37.25 -17.13 10.62
N HIS B 84 -36.75 -18.38 10.50
CA HIS B 84 -36.01 -18.92 11.64
C HIS B 84 -34.66 -18.24 11.81
N ALA B 85 -33.91 -18.07 10.72
CA ALA B 85 -32.67 -17.32 10.80
C ALA B 85 -32.87 -16.01 11.56
N LYS B 86 -33.97 -15.31 11.27
CA LYS B 86 -34.26 -14.09 12.02
C LYS B 86 -34.53 -14.38 13.50
N SER B 87 -35.28 -15.46 13.78
CA SER B 87 -35.49 -15.91 15.17
C SER B 87 -34.17 -16.07 15.90
N PHE B 88 -33.29 -16.90 15.35
CA PHE B 88 -32.02 -17.20 15.99
C PHE B 88 -31.22 -15.92 16.27
N PHE B 89 -31.04 -15.08 15.25
CA PHE B 89 -30.16 -13.92 15.42
C PHE B 89 -30.76 -12.91 16.40
N THR B 90 -32.08 -12.73 16.38
CA THR B 90 -32.73 -11.83 17.32
C THR B 90 -32.48 -12.26 18.76
N ASP B 91 -32.64 -13.57 19.03
CA ASP B 91 -32.38 -14.10 20.36
C ASP B 91 -30.90 -14.04 20.69
N LEU B 92 -30.04 -14.37 19.72
CA LEU B 92 -28.60 -14.29 19.92
C LEU B 92 -28.17 -12.89 20.33
N LEU B 93 -28.63 -11.87 19.60
CA LEU B 93 -28.14 -10.52 19.85
C LEU B 93 -28.54 -10.02 21.23
N SER B 94 -29.75 -10.36 21.68
CA SER B 94 -30.16 -9.95 23.03
C SER B 94 -29.28 -10.61 24.09
N ARG B 95 -28.94 -11.89 23.90
CA ARG B 95 -28.03 -12.54 24.85
C ARG B 95 -26.63 -11.96 24.77
N LEU B 96 -26.21 -11.48 23.59
CA LEU B 96 -24.97 -10.73 23.50
C LEU B 96 -24.99 -9.48 24.37
N GLU B 97 -26.14 -8.78 24.40
CA GLU B 97 -26.25 -7.60 25.25
C GLU B 97 -26.10 -7.97 26.72
N LYS B 98 -26.81 -9.03 27.15
CA LYS B 98 -26.74 -9.45 28.54
C LYS B 98 -25.32 -9.80 28.95
N MET B 99 -24.57 -10.46 28.06
CA MET B 99 -23.16 -10.79 28.28
C MET B 99 -22.23 -9.59 28.08
N ASP B 100 -22.77 -8.44 27.67
CA ASP B 100 -21.98 -7.24 27.39
C ASP B 100 -20.91 -7.49 26.32
N ILE B 101 -21.34 -8.07 25.21
CA ILE B 101 -20.54 -8.20 24.00
C ILE B 101 -21.10 -7.23 22.97
N HIS B 102 -20.22 -6.49 22.29
CA HIS B 102 -20.65 -5.48 21.34
C HIS B 102 -20.20 -5.76 19.91
N VAL B 103 -19.66 -6.94 19.63
CA VAL B 103 -19.19 -7.30 18.30
C VAL B 103 -19.57 -8.75 18.01
N ILE B 104 -20.29 -8.97 16.90
CA ILE B 104 -20.50 -10.29 16.33
C ILE B 104 -20.04 -10.25 14.88
N GLY B 105 -19.28 -11.25 14.47
CA GLY B 105 -18.74 -11.29 13.12
C GLY B 105 -18.67 -12.71 12.60
N GLY B 106 -18.86 -12.84 11.29
CA GLY B 106 -18.77 -14.13 10.63
C GLY B 106 -19.53 -14.08 9.32
N GLY B 107 -19.78 -15.25 8.77
CA GLY B 107 -20.70 -15.35 7.64
C GLY B 107 -22.16 -15.15 8.03
N ILE B 108 -22.48 -14.07 8.74
CA ILE B 108 -23.80 -13.94 9.35
C ILE B 108 -24.78 -13.28 8.39
N TYR B 109 -24.47 -13.35 7.11
CA TYR B 109 -25.35 -13.00 6.00
C TYR B 109 -25.67 -14.24 5.17
N SER B 110 -25.10 -15.38 5.53
CA SER B 110 -25.16 -16.62 4.77
C SER B 110 -25.03 -17.79 5.75
N TYR B 111 -24.30 -18.84 5.38
CA TYR B 111 -24.12 -19.94 6.32
C TYR B 111 -22.77 -20.62 6.07
N TRP B 112 -22.16 -21.11 7.15
CA TRP B 112 -20.84 -21.73 7.08
C TRP B 112 -20.82 -23.08 7.80
N PRO B 113 -20.20 -24.10 7.20
CA PRO B 113 -19.65 -24.10 5.84
C PRO B 113 -20.74 -24.25 4.77
N VAL B 114 -20.53 -23.62 3.61
CA VAL B 114 -21.54 -23.66 2.55
C VAL B 114 -21.58 -25.06 1.95
N ASP B 115 -22.76 -25.45 1.49
CA ASP B 115 -22.91 -26.69 0.73
C ASP B 115 -23.08 -26.35 -0.75
N TYR B 116 -22.06 -26.67 -1.53
CA TYR B 116 -22.07 -26.46 -2.96
C TYR B 116 -22.64 -27.66 -3.74
N SER B 117 -23.21 -28.65 -3.06
CA SER B 117 -23.87 -29.74 -3.80
C SER B 117 -25.18 -29.16 -4.28
N MET B 118 -25.41 -27.88 -4.01
CA MET B 118 -26.65 -27.22 -4.43
C MET B 118 -26.40 -26.21 -5.54
N PRO B 119 -27.41 -25.97 -6.39
CA PRO B 119 -27.26 -24.92 -7.40
C PRO B 119 -27.18 -23.55 -6.76
N ILE B 120 -26.32 -22.67 -7.25
CA ILE B 120 -26.15 -21.38 -6.58
C ILE B 120 -26.86 -20.29 -7.37
N ASP B 121 -27.69 -19.50 -6.67
CA ASP B 121 -28.34 -18.30 -7.21
C ASP B 121 -27.84 -17.11 -6.38
N LYS B 122 -26.73 -16.52 -6.82
CA LYS B 122 -26.13 -15.42 -6.05
C LYS B 122 -26.97 -14.14 -6.09
N PRO B 123 -27.48 -13.68 -7.24
CA PRO B 123 -28.33 -12.47 -7.20
C PRO B 123 -29.58 -12.65 -6.36
N GLY B 124 -30.24 -13.81 -6.45
CA GLY B 124 -31.42 -14.03 -5.62
C GLY B 124 -31.11 -14.02 -4.15
N ASP B 125 -30.10 -14.79 -3.74
CA ASP B 125 -29.71 -14.82 -2.33
C ASP B 125 -29.18 -13.47 -1.85
N TRP B 126 -28.44 -12.76 -2.71
CA TRP B 126 -27.92 -11.46 -2.33
C TRP B 126 -29.04 -10.52 -1.89
N ALA B 127 -30.06 -10.39 -2.74
CA ALA B 127 -31.17 -9.51 -2.36
C ALA B 127 -31.77 -9.94 -1.03
N ARG B 128 -32.04 -11.23 -0.87
CA ARG B 128 -32.66 -11.71 0.37
C ARG B 128 -31.74 -11.46 1.56
N SER B 129 -30.44 -11.65 1.37
CA SER B 129 -29.49 -11.41 2.45
C SER B 129 -29.48 -9.95 2.88
N VAL B 130 -29.53 -9.03 1.92
CA VAL B 130 -29.52 -7.61 2.28
C VAL B 130 -30.78 -7.28 3.09
N GLU B 131 -31.94 -7.70 2.61
CA GLU B 131 -33.19 -7.44 3.33
C GLU B 131 -33.12 -7.99 4.75
N GLY B 132 -32.70 -9.24 4.89
CA GLY B 132 -32.66 -9.87 6.20
C GLY B 132 -31.61 -9.26 7.12
N VAL B 133 -30.44 -8.90 6.59
CA VAL B 133 -29.46 -8.27 7.44
C VAL B 133 -29.93 -6.88 7.85
N ALA B 134 -30.68 -6.19 6.96
CA ALA B 134 -31.24 -4.89 7.34
C ALA B 134 -32.17 -5.02 8.55
N GLU B 135 -33.00 -6.07 8.55
CA GLU B 135 -33.87 -6.30 9.69
C GLU B 135 -33.05 -6.57 10.95
N MET B 136 -31.95 -7.31 10.82
CA MET B 136 -31.19 -7.67 12.01
C MET B 136 -30.39 -6.46 12.53
N ALA B 137 -30.08 -5.51 11.65
CA ALA B 137 -29.38 -4.30 12.08
C ALA B 137 -30.20 -3.54 13.12
N LYS B 138 -31.52 -3.48 12.95
CA LYS B 138 -32.34 -2.83 13.94
C LYS B 138 -32.17 -3.49 15.30
N VAL B 139 -32.17 -4.83 15.34
CA VAL B 139 -32.01 -5.54 16.60
C VAL B 139 -30.62 -5.27 17.18
N ALA B 140 -29.59 -5.41 16.34
CA ALA B 140 -28.23 -5.11 16.77
C ALA B 140 -28.12 -3.72 17.39
N GLU B 141 -28.78 -2.73 16.78
CA GLU B 141 -28.76 -1.38 17.37
C GLU B 141 -29.37 -1.39 18.76
N SER B 142 -30.53 -2.04 18.94
CA SER B 142 -31.21 -2.02 20.23
C SER B 142 -30.41 -2.72 21.31
N CYS B 143 -29.65 -3.77 20.94
CA CYS B 143 -28.77 -4.46 21.88
C CYS B 143 -27.36 -3.88 21.94
N GLY B 144 -27.03 -2.92 21.08
CA GLY B 144 -25.70 -2.33 21.07
C GLY B 144 -24.59 -3.22 20.54
N VAL B 145 -24.85 -3.96 19.46
CA VAL B 145 -23.87 -4.90 18.90
C VAL B 145 -23.56 -4.48 17.46
N ASP B 146 -22.27 -4.40 17.13
CA ASP B 146 -21.85 -4.21 15.75
C ASP B 146 -21.97 -5.53 15.00
N TYR B 147 -22.73 -5.52 13.90
CA TYR B 147 -23.06 -6.71 13.09
C TYR B 147 -22.09 -6.76 11.91
N CYS B 148 -20.98 -7.45 12.08
CA CYS B 148 -19.85 -7.39 11.15
C CYS B 148 -19.86 -8.58 10.18
N LEU B 149 -19.98 -8.28 8.90
CA LEU B 149 -20.05 -9.31 7.87
C LEU B 149 -18.65 -9.72 7.44
N GLU B 150 -18.31 -10.98 7.61
CA GLU B 150 -16.97 -11.45 7.30
C GLU B 150 -16.86 -11.77 5.81
N VAL B 151 -15.89 -11.15 5.14
CA VAL B 151 -15.51 -11.54 3.78
C VAL B 151 -14.75 -12.86 3.83
N LEU B 152 -15.11 -13.79 2.93
CA LEU B 152 -14.60 -15.17 3.00
C LEU B 152 -14.08 -15.61 1.64
N ASN B 153 -13.08 -16.49 1.66
CA ASN B 153 -12.60 -17.10 0.43
C ASN B 153 -13.71 -17.93 -0.22
N ARG B 154 -13.56 -18.14 -1.53
CA ARG B 154 -14.62 -18.73 -2.33
C ARG B 154 -14.99 -20.15 -1.90
N PHE B 155 -14.10 -20.84 -1.18
CA PHE B 155 -14.39 -22.20 -0.73
C PHE B 155 -15.29 -22.22 0.50
N GLU B 156 -15.38 -21.11 1.23
CA GLU B 156 -16.18 -21.06 2.45
C GLU B 156 -17.43 -20.17 2.33
N GLY B 157 -17.48 -19.26 1.36
CA GLY B 157 -18.65 -18.43 1.13
C GLY B 157 -18.71 -18.01 -0.33
N TYR B 158 -19.92 -17.62 -0.77
CA TYR B 158 -20.13 -17.20 -2.15
C TYR B 158 -20.73 -15.80 -2.30
N LEU B 159 -21.29 -15.21 -1.24
CA LEU B 159 -21.91 -13.89 -1.41
C LEU B 159 -20.86 -12.77 -1.31
N LEU B 160 -20.08 -12.76 -0.23
CA LEU B 160 -19.08 -11.72 0.01
C LEU B 160 -17.69 -12.36 -0.02
N ASN B 161 -17.00 -12.23 -1.15
CA ASN B 161 -15.65 -12.77 -1.26
C ASN B 161 -14.57 -11.70 -1.35
N THR B 162 -14.92 -10.45 -1.66
CA THR B 162 -13.95 -9.36 -1.65
C THR B 162 -14.48 -8.19 -0.82
N ALA B 163 -13.55 -7.41 -0.27
CA ALA B 163 -13.96 -6.18 0.43
C ALA B 163 -14.79 -5.28 -0.46
N GLU B 164 -14.50 -5.24 -1.77
CA GLU B 164 -15.31 -4.45 -2.71
C GLU B 164 -16.77 -4.89 -2.72
N GLU B 165 -17.01 -6.20 -2.70
CA GLU B 165 -18.39 -6.70 -2.62
C GLU B 165 -19.02 -6.35 -1.28
N ALA B 166 -18.23 -6.42 -0.21
CA ALA B 166 -18.72 -6.09 1.11
C ALA B 166 -19.18 -4.64 1.19
N VAL B 167 -18.45 -3.73 0.54
CA VAL B 167 -18.84 -2.32 0.59
C VAL B 167 -20.20 -2.13 -0.08
N GLN B 168 -20.36 -2.64 -1.31
CA GLN B 168 -21.66 -2.53 -1.98
C GLN B 168 -22.77 -3.14 -1.13
N PHE B 169 -22.47 -4.24 -0.43
CA PHE B 169 -23.47 -4.92 0.39
C PHE B 169 -23.91 -4.04 1.56
N VAL B 170 -22.97 -3.55 2.38
CA VAL B 170 -23.35 -2.77 3.54
C VAL B 170 -23.94 -1.42 3.13
N GLN B 171 -23.54 -0.89 1.97
CA GLN B 171 -24.17 0.32 1.47
C GLN B 171 -25.64 0.10 1.14
N GLU B 172 -26.00 -1.09 0.65
CA GLU B 172 -27.39 -1.41 0.38
C GLU B 172 -28.15 -1.71 1.67
N VAL B 173 -27.53 -2.41 2.62
CA VAL B 173 -28.10 -2.53 3.95
C VAL B 173 -28.41 -1.15 4.52
N ASN B 174 -27.41 -0.26 4.54
CA ASN B 174 -27.56 1.14 4.91
C ASN B 174 -28.03 1.29 6.37
N HIS B 175 -27.19 0.79 7.28
CA HIS B 175 -27.46 0.89 8.71
C HIS B 175 -26.10 0.93 9.40
N PRO B 176 -25.84 1.94 10.24
CA PRO B 176 -24.49 2.08 10.83
C PRO B 176 -24.03 0.88 11.65
N ARG B 177 -24.93 0.01 12.10
CA ARG B 177 -24.50 -1.16 12.87
C ARG B 177 -24.00 -2.30 12.01
N VAL B 178 -24.25 -2.28 10.71
CA VAL B 178 -23.77 -3.32 9.81
C VAL B 178 -22.44 -2.83 9.23
N LYS B 179 -21.37 -3.49 9.64
CA LYS B 179 -20.00 -3.14 9.28
C LYS B 179 -19.34 -4.32 8.57
N ILE B 180 -18.17 -4.04 8.01
CA ILE B 180 -17.35 -5.02 7.30
C ILE B 180 -16.34 -5.63 8.25
N MET B 181 -16.11 -6.95 8.13
CA MET B 181 -15.06 -7.64 8.84
C MET B 181 -14.11 -8.30 7.84
N LEU B 182 -12.82 -8.08 8.00
CA LEU B 182 -11.82 -8.62 7.11
C LEU B 182 -10.94 -9.62 7.84
N ASP B 183 -10.40 -10.58 7.08
CA ASP B 183 -9.60 -11.67 7.61
C ASP B 183 -8.40 -11.89 6.71
N THR B 184 -7.19 -11.83 7.30
CA THR B 184 -5.98 -11.90 6.49
C THR B 184 -5.86 -13.21 5.75
N PHE B 185 -6.34 -14.30 6.35
CA PHE B 185 -6.36 -15.62 5.69
C PHE B 185 -7.29 -15.62 4.48
N HIS B 186 -8.51 -15.11 4.64
CA HIS B 186 -9.46 -15.02 3.53
C HIS B 186 -9.01 -13.99 2.50
N MET B 187 -8.52 -12.84 2.98
CA MET B 187 -8.01 -11.81 2.08
C MET B 187 -6.89 -12.34 1.21
N ASN B 188 -6.04 -13.22 1.77
CA ASN B 188 -4.85 -13.69 1.06
C ASN B 188 -5.19 -14.47 -0.19
N ILE B 189 -6.39 -15.01 -0.26
CA ILE B 189 -6.87 -15.76 -1.41
C ILE B 189 -7.57 -14.85 -2.42
N GLU B 190 -8.52 -14.02 -1.97
CA GLU B 190 -9.36 -13.32 -2.93
C GLU B 190 -8.88 -11.93 -3.34
N GLU B 191 -8.11 -11.22 -2.52
CA GLU B 191 -7.96 -9.78 -2.74
C GLU B 191 -6.88 -9.46 -3.77
N ASP B 192 -7.21 -8.59 -4.72
CA ASP B 192 -6.18 -8.00 -5.57
C ASP B 192 -5.07 -7.36 -4.75
N SER B 193 -5.42 -6.66 -3.67
CA SER B 193 -4.43 -5.96 -2.86
C SER B 193 -4.88 -5.98 -1.41
N ILE B 194 -3.95 -6.28 -0.50
CA ILE B 194 -4.29 -6.37 0.92
C ILE B 194 -4.51 -4.98 1.50
N GLY B 195 -3.49 -4.12 1.40
CA GLY B 195 -3.68 -2.72 1.79
C GLY B 195 -4.83 -2.07 1.05
N GLY B 196 -4.99 -2.41 -0.23
CA GLY B 196 -6.09 -1.86 -0.98
C GLY B 196 -7.46 -2.31 -0.46
N ALA B 197 -7.57 -3.58 -0.02
CA ALA B 197 -8.84 -4.07 0.51
C ALA B 197 -9.23 -3.32 1.78
N ILE B 198 -8.25 -3.14 2.68
CA ILE B 198 -8.48 -2.47 3.95
C ILE B 198 -8.92 -1.03 3.71
N ARG B 199 -8.27 -0.36 2.76
CA ARG B 199 -8.64 1.01 2.43
C ARG B 199 -10.02 1.10 1.78
N ARG B 200 -10.45 0.08 1.01
CA ARG B 200 -11.81 0.12 0.46
C ARG B 200 -12.83 0.06 1.57
N ALA B 201 -12.58 -0.80 2.57
CA ALA B 201 -13.50 -0.94 3.68
C ALA B 201 -13.62 0.37 4.44
N GLY B 202 -12.49 0.96 4.80
CA GLY B 202 -12.49 2.30 5.35
C GLY B 202 -13.26 2.37 6.65
N GLN B 203 -14.18 3.34 6.73
CA GLN B 203 -14.97 3.52 7.94
C GLN B 203 -15.96 2.40 8.17
N HIS B 204 -16.30 1.64 7.12
CA HIS B 204 -17.12 0.45 7.28
C HIS B 204 -16.45 -0.69 8.04
N LEU B 205 -15.14 -0.61 8.30
CA LEU B 205 -14.43 -1.76 8.90
C LEU B 205 -14.73 -1.83 10.39
N GLY B 206 -15.40 -2.91 10.81
CA GLY B 206 -15.77 -3.07 12.21
C GLY B 206 -15.04 -4.16 12.98
N HIS B 207 -14.40 -5.09 12.28
CA HIS B 207 -13.70 -6.19 12.93
C HIS B 207 -12.60 -6.69 12.01
N PHE B 208 -11.56 -7.30 12.60
CA PHE B 208 -10.42 -7.77 11.84
C PHE B 208 -9.88 -9.07 12.41
N HIS B 209 -9.77 -10.09 11.57
CA HIS B 209 -9.14 -11.36 11.93
C HIS B 209 -7.74 -11.45 11.34
N THR B 210 -6.80 -11.99 12.12
CA THR B 210 -5.44 -12.20 11.65
C THR B 210 -5.04 -13.67 11.73
N GLY B 211 -4.07 -14.02 10.90
CA GLY B 211 -3.67 -15.40 10.70
C GLY B 211 -2.73 -15.44 9.51
N GLU B 212 -1.92 -16.49 9.39
CA GLU B 212 -1.04 -16.55 8.24
C GLU B 212 -1.76 -17.26 7.10
N CYS B 213 -1.10 -17.28 5.96
CA CYS B 213 -1.69 -17.82 4.73
C CYS B 213 -2.22 -19.23 4.94
N ASN B 214 -1.48 -20.04 5.70
CA ASN B 214 -1.88 -21.41 6.01
C ASN B 214 -2.40 -21.55 7.45
N ARG B 215 -2.70 -20.43 8.10
CA ARG B 215 -3.39 -20.32 9.40
C ARG B 215 -2.50 -20.56 10.60
N ARG B 216 -1.18 -20.44 10.46
CA ARG B 216 -0.30 -20.37 11.61
C ARG B 216 -0.44 -19.04 12.33
N VAL B 217 0.18 -18.94 13.50
CA VAL B 217 0.14 -17.73 14.32
C VAL B 217 0.82 -16.59 13.57
N PRO B 218 0.36 -15.35 13.73
CA PRO B 218 0.98 -14.23 13.00
C PRO B 218 2.48 -14.14 13.25
N GLY B 219 3.26 -14.16 12.17
CA GLY B 219 4.71 -14.10 12.24
C GLY B 219 5.39 -15.30 11.63
N ARG B 220 4.65 -16.40 11.47
CA ARG B 220 5.13 -17.64 10.85
C ARG B 220 4.52 -17.82 9.46
N GLY B 221 4.59 -16.77 8.65
CA GLY B 221 3.98 -16.86 7.35
C GLY B 221 4.30 -15.66 6.49
N ARG B 222 3.66 -15.60 5.35
CA ARG B 222 3.92 -14.59 4.40
C ARG B 222 2.91 -13.47 4.38
N THR B 223 2.18 -13.31 5.47
CA THR B 223 1.20 -12.26 5.54
C THR B 223 1.89 -10.87 5.51
N PRO B 224 1.44 -9.93 4.63
CA PRO B 224 2.11 -8.61 4.67
C PRO B 224 1.79 -7.74 5.87
N TRP B 225 2.45 -8.02 7.00
CA TRP B 225 2.12 -7.35 8.26
C TRP B 225 2.39 -5.85 8.19
N ARG B 226 3.53 -5.46 7.64
CA ARG B 226 3.84 -4.03 7.53
C ARG B 226 2.78 -3.29 6.72
N GLU B 227 2.43 -3.81 5.54
CA GLU B 227 1.40 -3.20 4.71
C GLU B 227 0.07 -3.15 5.44
N ILE B 228 -0.26 -4.19 6.19
CA ILE B 228 -1.56 -4.24 6.87
C ILE B 228 -1.64 -3.14 7.92
N GLY B 229 -0.60 -2.98 8.73
CA GLY B 229 -0.63 -1.98 9.77
C GLY B 229 -0.67 -0.56 9.23
N GLU B 230 -0.01 -0.33 8.09
CA GLU B 230 -0.12 0.97 7.43
C GLU B 230 -1.54 1.26 6.99
N ALA B 231 -2.20 0.28 6.36
CA ALA B 231 -3.56 0.51 5.88
C ALA B 231 -4.54 0.69 7.03
N LEU B 232 -4.40 -0.08 8.11
CA LEU B 232 -5.32 0.10 9.23
C LEU B 232 -5.13 1.49 9.87
N ARG B 233 -3.88 1.97 9.95
CA ARG B 233 -3.66 3.31 10.47
C ARG B 233 -4.17 4.39 9.52
N ASP B 234 -4.09 4.16 8.21
CA ASP B 234 -4.59 5.14 7.25
C ASP B 234 -6.09 5.38 7.43
N ILE B 235 -6.84 4.34 7.79
CA ILE B 235 -8.29 4.44 7.88
C ILE B 235 -8.71 4.67 9.32
N GLY B 236 -7.73 4.93 10.18
CA GLY B 236 -7.95 5.14 11.61
C GLY B 236 -8.76 4.03 12.26
N TYR B 237 -8.33 2.78 12.09
CA TYR B 237 -9.06 1.67 12.66
C TYR B 237 -8.75 1.56 14.16
N THR B 238 -9.80 1.54 14.98
CA THR B 238 -9.66 1.45 16.44
C THR B 238 -10.30 0.19 17.00
N GLY B 239 -10.73 -0.73 16.14
CA GLY B 239 -11.46 -1.89 16.58
C GLY B 239 -10.54 -2.98 17.10
N ALA B 240 -11.04 -4.20 17.05
CA ALA B 240 -10.30 -5.33 17.58
C ALA B 240 -9.54 -6.04 16.47
N VAL B 241 -8.44 -6.67 16.85
CA VAL B 241 -7.59 -7.45 15.95
C VAL B 241 -7.46 -8.82 16.60
N VAL B 242 -8.17 -9.81 16.06
CA VAL B 242 -8.33 -11.09 16.71
C VAL B 242 -7.66 -12.14 15.84
N MET B 243 -6.56 -12.72 16.33
CA MET B 243 -5.89 -13.79 15.61
C MET B 243 -6.69 -15.08 15.74
N GLU B 244 -6.90 -15.74 14.60
CA GLU B 244 -7.70 -16.96 14.49
C GLU B 244 -6.84 -18.09 13.92
N PRO B 245 -5.84 -18.55 14.68
CA PRO B 245 -4.95 -19.61 14.16
C PRO B 245 -5.51 -21.01 14.42
N PHE B 246 -5.20 -21.91 13.47
CA PHE B 246 -5.63 -23.30 13.52
C PHE B 246 -4.42 -24.17 13.17
N VAL B 247 -3.82 -24.80 14.17
CA VAL B 247 -2.56 -25.50 13.97
C VAL B 247 -2.61 -26.95 14.44
N ARG B 248 -3.79 -27.43 14.81
CA ARG B 248 -3.91 -28.72 15.48
C ARG B 248 -4.75 -29.68 14.64
N MET B 249 -4.12 -30.77 14.22
CA MET B 249 -4.81 -31.86 13.55
C MET B 249 -5.79 -32.55 14.49
N GLY B 250 -6.89 -33.03 13.92
CA GLY B 250 -7.80 -33.91 14.61
C GLY B 250 -9.03 -33.19 15.14
N GLY B 251 -10.05 -33.98 15.47
CA GLY B 251 -11.30 -33.45 15.97
C GLY B 251 -12.13 -32.81 14.88
N GLN B 252 -13.35 -32.38 15.26
CA GLN B 252 -14.18 -31.65 14.31
C GLN B 252 -13.55 -30.32 13.93
N VAL B 253 -12.77 -29.72 14.83
CA VAL B 253 -12.05 -28.49 14.49
C VAL B 253 -11.04 -28.77 13.38
N GLY B 254 -10.12 -29.71 13.63
CA GLY B 254 -9.15 -30.08 12.60
C GLY B 254 -9.80 -30.52 11.30
N SER B 255 -11.00 -31.09 11.37
CA SER B 255 -11.70 -31.60 10.19
C SER B 255 -12.57 -30.54 9.51
N ASP B 256 -13.19 -29.65 10.29
CA ASP B 256 -13.93 -28.55 9.67
C ASP B 256 -12.99 -27.49 9.10
N ILE B 257 -11.79 -27.36 9.68
CA ILE B 257 -10.78 -26.42 9.19
C ILE B 257 -9.88 -27.06 8.13
N LYS B 258 -9.98 -28.37 7.90
CA LYS B 258 -9.22 -29.08 6.87
C LYS B 258 -7.72 -29.03 7.18
N ILE B 259 -7.37 -29.30 8.43
CA ILE B 259 -5.99 -29.51 8.83
C ILE B 259 -5.67 -30.99 8.61
N TRP B 260 -4.89 -31.28 7.57
CA TRP B 260 -4.52 -32.64 7.22
C TRP B 260 -3.03 -32.90 7.41
N ARG B 261 -2.37 -32.13 8.26
CA ARG B 261 -0.96 -32.30 8.53
C ARG B 261 -0.66 -31.65 9.87
N GLU B 262 0.26 -32.24 10.63
CA GLU B 262 0.65 -31.63 11.90
C GLU B 262 1.43 -30.35 11.61
N MET B 263 0.95 -29.23 12.14
CA MET B 263 1.58 -27.95 11.81
C MET B 263 2.78 -27.63 12.68
N ASN B 264 2.91 -28.26 13.85
CA ASN B 264 4.06 -28.07 14.75
C ASN B 264 4.54 -29.44 15.22
N PRO B 265 5.49 -30.06 14.51
CA PRO B 265 5.85 -31.46 14.77
C PRO B 265 6.07 -31.82 16.24
N GLY B 266 5.00 -32.32 16.87
CA GLY B 266 5.04 -32.80 18.24
C GLY B 266 5.43 -31.76 19.26
N ALA B 267 4.55 -30.78 19.49
CA ALA B 267 4.81 -29.71 20.44
C ALA B 267 3.71 -29.68 21.48
N ASP B 268 4.12 -29.50 22.73
CA ASP B 268 3.21 -29.44 23.86
C ASP B 268 2.36 -28.16 23.82
N ASP B 269 1.28 -28.17 24.63
CA ASP B 269 0.46 -26.97 24.79
C ASP B 269 1.25 -25.79 25.36
N ALA B 270 2.39 -26.04 26.01
CA ALA B 270 3.22 -24.94 26.45
C ALA B 270 3.95 -24.29 25.28
N GLN B 271 4.22 -25.05 24.21
CA GLN B 271 4.78 -24.45 23.00
C GLN B 271 3.74 -23.59 22.28
N LEU B 272 2.50 -24.08 22.19
CA LEU B 272 1.46 -23.30 21.52
C LEU B 272 1.21 -21.99 22.25
N ASP B 273 1.15 -22.06 23.59
CA ASP B 273 0.90 -20.86 24.38
C ASP B 273 2.00 -19.83 24.18
N LEU B 274 3.27 -20.26 24.24
CA LEU B 274 4.32 -19.31 23.93
C LEU B 274 4.23 -18.86 22.49
N ASP B 275 3.89 -19.76 21.56
CA ASP B 275 3.67 -19.37 20.18
C ASP B 275 2.66 -18.23 20.08
N ALA B 276 1.56 -18.31 20.85
CA ALA B 276 0.59 -17.23 20.88
C ALA B 276 1.16 -15.98 21.57
N LYS B 277 1.74 -16.16 22.76
CA LYS B 277 2.39 -15.05 23.44
C LYS B 277 3.33 -14.29 22.51
N ASN B 278 4.17 -15.03 21.79
CA ASN B 278 5.07 -14.40 20.82
C ASN B 278 4.31 -13.76 19.67
N ALA B 279 3.23 -14.41 19.22
CA ALA B 279 2.50 -13.89 18.05
C ALA B 279 1.79 -12.57 18.36
N VAL B 280 1.19 -12.45 19.55
CA VAL B 280 0.51 -11.20 19.85
C VAL B 280 1.53 -10.12 20.21
N THR B 281 2.69 -10.48 20.75
CA THR B 281 3.76 -9.50 20.90
C THR B 281 4.19 -8.97 19.54
N PHE B 282 4.24 -9.85 18.54
CA PHE B 282 4.60 -9.44 17.19
C PHE B 282 3.48 -8.62 16.55
N GLN B 283 2.22 -9.01 16.79
CA GLN B 283 1.07 -8.34 16.18
C GLN B 283 0.97 -6.89 16.64
N ARG B 284 0.95 -6.68 17.96
CA ARG B 284 0.97 -5.32 18.49
C ARG B 284 2.11 -4.52 17.89
N TYR B 285 3.28 -5.14 17.73
CA TYR B 285 4.44 -4.38 17.31
C TYR B 285 4.40 -4.06 15.83
N MET B 286 3.66 -4.81 15.05
CA MET B 286 3.51 -4.55 13.63
C MET B 286 2.37 -3.58 13.33
N LEU B 287 1.25 -3.66 14.06
CA LEU B 287 0.06 -2.88 13.75
C LEU B 287 -0.14 -1.65 14.63
N ASP B 288 0.36 -1.62 15.87
CA ASP B 288 0.17 -0.43 16.71
C ASP B 288 1.10 0.69 16.26
#